data_7LWE
#
_entry.id   7LWE
#
_cell.length_a   30.606
_cell.length_b   72.113
_cell.length_c   55.044
_cell.angle_alpha   90.000
_cell.angle_beta   104.875
_cell.angle_gamma   90.000
#
_symmetry.space_group_name_H-M   'C 1 2 1'
#
loop_
_entity.id
_entity.type
_entity.pdbx_description
1 polymer 'B-cell lymphoma 6 protein'
2 non-polymer N-(3-chloropyridin-4-yl)-2-(3-methyl-4-oxo-3,4-dihydro-7H-pyrrolo[2,3-d]pyrimidin-7-yl)acetamide
3 non-polymer 'FORMIC ACID'
4 non-polymer 'ACETATE ION'
5 non-polymer 'CHLORIDE ION'
6 water water
#
_entity_poly.entity_id   1
_entity_poly.type   'polypeptide(L)'
_entity_poly.pdbx_seq_one_letter_code
;MASPADSQIQFTRHASDVLLNLNRLRSRDILTDVVIVVSREQFRAHKTVLMACSGLFYSIFTDQLKRNLSVINLDPEINP
EGFNILLDFMYTSRLNLREGNIMAVMATAMYLQMEHVVDTCRKFIKASE
;
_entity_poly.pdbx_strand_id   A
#
loop_
_chem_comp.id
_chem_comp.type
_chem_comp.name
_chem_comp.formula
ACT non-polymer 'ACETATE ION' 'C2 H3 O2 -1'
CL non-polymer 'CHLORIDE ION' 'Cl -1'
FMT non-polymer 'FORMIC ACID' 'C H2 O2'
YND non-polymer N-(3-chloropyridin-4-yl)-2-(3-methyl-4-oxo-3,4-dihydro-7H-pyrrolo[2,3-d]pyrimidin-7-yl)acetamide 'C14 H12 Cl N5 O2'
#
# COMPACT_ATOMS: atom_id res chain seq x y z
N ALA A 2 34.77 -7.81 -5.45
CA ALA A 2 33.32 -7.77 -5.26
C ALA A 2 32.95 -8.04 -3.81
N SER A 3 31.82 -7.49 -3.38
CA SER A 3 31.41 -7.59 -1.99
C SER A 3 29.99 -8.11 -1.83
N PRO A 4 29.85 -9.38 -1.43
CA PRO A 4 28.53 -9.95 -1.14
C PRO A 4 27.84 -9.15 -0.04
N ALA A 5 26.60 -8.71 -0.29
CA ALA A 5 25.87 -7.92 0.68
C ALA A 5 25.82 -8.60 2.05
N ASP A 6 26.00 -9.92 2.05
CA ASP A 6 25.90 -10.70 3.29
C ASP A 6 27.00 -10.38 4.31
N SER A 7 28.17 -9.94 3.84
CA SER A 7 29.29 -9.62 4.73
C SER A 7 29.42 -8.12 5.02
N GLN A 8 28.44 -7.35 4.56
CA GLN A 8 28.45 -5.91 4.71
C GLN A 8 27.88 -5.55 6.07
N ILE A 9 28.10 -4.31 6.48
CA ILE A 9 27.57 -3.81 7.74
C ILE A 9 26.08 -3.53 7.61
N GLN A 10 25.29 -4.04 8.55
N GLN A 10 25.28 -4.09 8.51
CA GLN A 10 23.84 -3.94 8.48
CA GLN A 10 23.83 -3.91 8.48
C GLN A 10 23.29 -2.83 9.38
C GLN A 10 23.43 -2.73 9.33
N PHE A 11 22.56 -1.90 8.77
CA PHE A 11 21.93 -0.80 9.49
C PHE A 11 20.48 -1.18 9.75
N THR A 12 20.19 -1.55 11.00
CA THR A 12 18.94 -2.22 11.34
C THR A 12 17.70 -1.31 11.31
N ARG A 13 17.89 0.00 11.30
CA ARG A 13 16.76 0.92 11.24
C ARG A 13 16.66 1.63 9.90
N HIS A 14 17.55 1.33 8.97
CA HIS A 14 17.58 2.09 7.73
C HIS A 14 16.29 1.95 6.92
N ALA A 15 15.81 0.73 6.73
CA ALA A 15 14.61 0.55 5.90
C ALA A 15 13.40 1.27 6.49
N SER A 16 13.25 1.17 7.80
CA SER A 16 12.14 1.85 8.45
C SER A 16 12.29 3.37 8.40
N ASP A 17 13.53 3.88 8.51
CA ASP A 17 13.76 5.31 8.34
C ASP A 17 13.40 5.77 6.95
N VAL A 18 13.80 5.00 5.93
CA VAL A 18 13.46 5.32 4.55
C VAL A 18 11.95 5.42 4.39
N LEU A 19 11.22 4.42 4.87
CA LEU A 19 9.74 4.40 4.68
C LEU A 19 9.11 5.60 5.39
N LEU A 20 9.57 5.91 6.60
CA LEU A 20 9.05 7.09 7.35
C LEU A 20 9.30 8.35 6.51
N ASN A 21 10.49 8.49 5.95
CA ASN A 21 10.81 9.69 5.14
C ASN A 21 9.95 9.73 3.87
N LEU A 22 9.69 8.57 3.25
CA LEU A 22 8.79 8.52 2.07
C LEU A 22 7.40 8.98 2.50
N ASN A 23 6.95 8.55 3.66
CA ASN A 23 5.60 8.96 4.15
C ASN A 23 5.59 10.48 4.40
N ARG A 24 6.70 11.00 4.92
CA ARG A 24 6.80 12.47 5.12
C ARG A 24 6.70 13.18 3.77
N LEU A 25 7.35 12.65 2.75
CA LEU A 25 7.24 13.28 1.40
C LEU A 25 5.78 13.19 0.95
N ARG A 26 5.13 12.05 1.14
CA ARG A 26 3.72 11.96 0.74
C ARG A 26 2.89 13.02 1.44
N SER A 27 3.12 13.22 2.73
CA SER A 27 2.35 14.20 3.49
C SER A 27 2.54 15.63 3.01
N ARG A 28 3.63 15.89 2.32
CA ARG A 28 3.93 17.22 1.74
C ARG A 28 3.68 17.22 0.24
N ASP A 29 3.14 16.13 -0.30
CA ASP A 29 2.87 15.95 -1.76
C ASP A 29 4.15 16.19 -2.58
N ILE A 30 5.31 15.76 -2.08
CA ILE A 30 6.59 15.96 -2.78
C ILE A 30 6.89 14.73 -3.65
N LEU A 31 6.93 14.91 -4.98
CA LEU A 31 7.28 13.88 -5.99
C LEU A 31 6.23 12.76 -6.04
N THR A 32 5.02 13.01 -5.55
CA THR A 32 3.92 12.07 -5.78
C THR A 32 3.61 12.16 -7.29
N ASP A 33 3.25 11.05 -7.89
CA ASP A 33 3.08 11.02 -9.36
C ASP A 33 1.78 10.33 -9.77
N VAL A 34 0.89 10.04 -8.83
CA VAL A 34 -0.38 9.45 -9.19
C VAL A 34 -1.43 9.85 -8.18
N VAL A 35 -2.66 9.95 -8.65
CA VAL A 35 -3.82 10.05 -7.79
C VAL A 35 -4.65 8.80 -7.99
N ILE A 36 -5.03 8.21 -6.86
CA ILE A 36 -5.89 7.04 -6.82
C ILE A 36 -7.27 7.52 -6.44
N VAL A 37 -8.22 7.33 -7.35
CA VAL A 37 -9.60 7.78 -7.15
C VAL A 37 -10.43 6.60 -6.68
N VAL A 38 -11.09 6.79 -5.54
CA VAL A 38 -11.86 5.73 -4.90
C VAL A 38 -13.23 6.33 -4.60
N SER A 39 -14.14 6.13 -5.55
CA SER A 39 -15.47 6.73 -5.48
C SER A 39 -15.35 8.23 -5.29
N ARG A 40 -15.89 8.80 -4.22
CA ARG A 40 -15.86 10.28 -4.08
CA ARG A 40 -15.86 10.28 -4.08
C ARG A 40 -14.57 10.94 -3.51
N GLU A 41 -13.66 10.05 -3.13
CA GLU A 41 -12.40 10.43 -2.53
C GLU A 41 -11.21 10.15 -3.42
N GLN A 42 -10.11 10.82 -3.15
CA GLN A 42 -8.91 10.57 -3.94
C GLN A 42 -7.69 10.72 -3.04
N PHE A 43 -6.64 9.97 -3.39
CA PHE A 43 -5.44 9.85 -2.55
C PHE A 43 -4.20 9.91 -3.43
N ARG A 44 -3.28 10.82 -3.15
CA ARG A 44 -2.05 10.90 -3.94
C ARG A 44 -1.02 9.96 -3.34
N ALA A 45 -0.13 9.48 -4.19
CA ALA A 45 0.90 8.53 -3.74
C ALA A 45 2.09 8.53 -4.71
N HIS A 46 3.10 7.79 -4.32
CA HIS A 46 4.24 7.48 -5.17
C HIS A 46 4.02 6.12 -5.81
N LYS A 47 4.05 6.08 -7.14
CA LYS A 47 3.86 4.82 -7.84
C LYS A 47 4.84 3.75 -7.38
N THR A 48 6.08 4.13 -7.11
CA THR A 48 7.08 3.14 -6.70
C THR A 48 6.66 2.44 -5.41
N VAL A 49 6.14 3.19 -4.45
CA VAL A 49 5.70 2.59 -3.20
C VAL A 49 4.48 1.68 -3.43
N LEU A 50 3.54 2.13 -4.26
CA LEU A 50 2.37 1.31 -4.59
C LEU A 50 2.81 -0.01 -5.22
N MET A 51 3.75 0.04 -6.16
CA MET A 51 4.25 -1.16 -6.81
C MET A 51 4.94 -2.08 -5.82
N ALA A 52 5.66 -1.50 -4.87
CA ALA A 52 6.39 -2.26 -3.88
C ALA A 52 5.48 -2.99 -2.91
N CYS A 53 4.22 -2.56 -2.81
CA CYS A 53 3.32 -3.05 -1.78
C CYS A 53 2.10 -3.82 -2.25
N SER A 54 1.80 -3.80 -3.55
CA SER A 54 0.54 -4.32 -4.07
C SER A 54 0.73 -5.02 -5.41
N GLY A 55 0.18 -6.22 -5.55
CA GLY A 55 0.21 -6.90 -6.83
C GLY A 55 -0.58 -6.18 -7.90
N LEU A 56 -1.70 -5.58 -7.54
CA LEU A 56 -2.48 -4.83 -8.51
C LEU A 56 -1.67 -3.66 -9.06
N PHE A 57 -1.10 -2.83 -8.19
CA PHE A 57 -0.37 -1.69 -8.69
C PHE A 57 0.92 -2.10 -9.38
N TYR A 58 1.57 -3.15 -8.93
CA TYR A 58 2.74 -3.67 -9.63
C TYR A 58 2.36 -4.03 -11.06
N SER A 59 1.26 -4.74 -11.22
CA SER A 59 0.86 -5.21 -12.56
C SER A 59 0.44 -4.06 -13.47
N ILE A 60 -0.17 -3.03 -12.91
CA ILE A 60 -0.53 -1.88 -13.70
C ILE A 60 0.74 -1.16 -14.18
N PHE A 61 1.57 -0.72 -13.25
CA PHE A 61 2.64 0.21 -13.62
C PHE A 61 3.84 -0.46 -14.27
N THR A 62 3.99 -1.76 -14.14
CA THR A 62 5.13 -2.42 -14.82
C THR A 62 4.85 -2.46 -16.39
N ASP A 63 3.60 -2.49 -16.72
CA ASP A 63 3.23 -2.52 -18.13
C ASP A 63 3.50 -1.16 -18.76
N GLN A 64 4.31 -1.12 -19.82
CA GLN A 64 4.67 0.15 -20.45
C GLN A 64 3.42 0.90 -20.97
N LEU A 65 2.37 0.16 -21.24
CA LEU A 65 1.12 0.77 -21.66
C LEU A 65 0.57 1.73 -20.61
N LYS A 66 0.77 1.38 -19.34
CA LYS A 66 0.11 2.08 -18.23
C LYS A 66 1.06 2.81 -17.30
N ARG A 67 2.36 2.68 -17.55
CA ARG A 67 3.32 3.16 -16.59
C ARG A 67 3.20 4.64 -16.30
N ASN A 68 2.84 5.41 -17.32
CA ASN A 68 2.80 6.86 -17.19
C ASN A 68 1.44 7.43 -16.80
N LEU A 69 0.49 6.57 -16.47
CA LEU A 69 -0.82 7.05 -16.01
C LEU A 69 -0.64 7.93 -14.78
N SER A 70 -1.36 9.05 -14.73
CA SER A 70 -1.34 9.90 -13.56
C SER A 70 -2.58 9.79 -12.67
N VAL A 71 -3.58 9.08 -13.15
CA VAL A 71 -4.83 8.85 -12.42
C VAL A 71 -5.20 7.39 -12.60
N ILE A 72 -5.52 6.72 -11.50
CA ILE A 72 -6.09 5.38 -11.52
C ILE A 72 -7.42 5.43 -10.80
N ASN A 73 -8.47 4.97 -11.46
CA ASN A 73 -9.79 4.84 -10.88
C ASN A 73 -9.98 3.42 -10.39
N LEU A 74 -10.10 3.25 -9.09
CA LEU A 74 -10.37 1.92 -8.56
C LEU A 74 -11.82 1.52 -8.81
N ASP A 75 -12.04 0.24 -8.71
CA ASP A 75 -13.38 -0.34 -8.81
CA ASP A 75 -13.37 -0.33 -8.84
C ASP A 75 -14.34 0.44 -7.94
N PRO A 76 -15.54 0.77 -8.47
CA PRO A 76 -16.50 1.60 -7.72
C PRO A 76 -16.97 0.97 -6.39
N GLU A 77 -16.82 -0.32 -6.23
CA GLU A 77 -17.26 -0.98 -5.01
C GLU A 77 -16.26 -0.88 -3.88
N ILE A 78 -15.04 -0.43 -4.18
CA ILE A 78 -14.02 -0.37 -3.15
C ILE A 78 -14.35 0.73 -2.16
N ASN A 79 -14.25 0.39 -0.87
CA ASN A 79 -14.53 1.28 0.26
C ASN A 79 -13.36 2.25 0.43
N PRO A 80 -13.55 3.58 0.35
CA PRO A 80 -12.44 4.51 0.50
C PRO A 80 -11.73 4.41 1.85
N GLU A 81 -12.47 4.13 2.91
CA GLU A 81 -11.84 3.99 4.21
C GLU A 81 -10.90 2.79 4.21
N GLY A 82 -11.34 1.68 3.64
CA GLY A 82 -10.51 0.47 3.53
C GLY A 82 -9.27 0.77 2.71
N PHE A 83 -9.41 1.49 1.61
CA PHE A 83 -8.26 1.84 0.82
C PHE A 83 -7.29 2.73 1.62
N ASN A 84 -7.83 3.74 2.31
CA ASN A 84 -7.01 4.66 3.10
C ASN A 84 -6.18 3.93 4.17
N ILE A 85 -6.80 2.95 4.81
CA ILE A 85 -6.12 2.15 5.82
C ILE A 85 -4.97 1.38 5.20
N LEU A 86 -5.19 0.83 4.01
CA LEU A 86 -4.14 0.08 3.35
C LEU A 86 -3.03 0.97 2.82
N LEU A 87 -3.37 2.15 2.32
CA LEU A 87 -2.36 3.10 1.86
C LEU A 87 -1.48 3.54 3.03
N ASP A 88 -2.10 3.83 4.16
CA ASP A 88 -1.35 4.14 5.38
C ASP A 88 -0.43 2.97 5.74
N PHE A 89 -0.95 1.75 5.72
CA PHE A 89 -0.13 0.58 5.98
C PHE A 89 1.09 0.52 5.04
N MET A 90 0.88 0.78 3.75
CA MET A 90 1.98 0.72 2.79
C MET A 90 3.15 1.60 3.24
N TYR A 91 2.81 2.78 3.75
CA TYR A 91 3.78 3.79 4.11
C TYR A 91 4.23 3.78 5.57
N THR A 92 3.70 2.87 6.38
CA THR A 92 4.01 2.83 7.81
C THR A 92 4.33 1.46 8.41
N SER A 93 3.98 0.37 7.73
CA SER A 93 4.09 -0.98 8.28
C SER A 93 3.10 -1.29 9.39
N ARG A 94 2.13 -0.41 9.61
N ARG A 94 2.16 -0.39 9.62
CA ARG A 94 1.16 -0.56 10.69
CA ARG A 94 1.15 -0.52 10.67
C ARG A 94 -0.25 -0.57 10.11
C ARG A 94 -0.22 -0.63 10.01
N LEU A 95 -1.00 -1.59 10.47
CA LEU A 95 -2.30 -1.88 9.89
C LEU A 95 -3.40 -1.67 10.93
N ASN A 96 -4.31 -0.76 10.64
CA ASN A 96 -5.40 -0.44 11.55
C ASN A 96 -6.62 -1.32 11.31
N LEU A 97 -6.59 -2.53 11.86
CA LEU A 97 -7.76 -3.42 11.83
C LEU A 97 -8.63 -3.24 13.06
N ARG A 98 -9.93 -3.11 12.82
CA ARG A 98 -10.92 -3.01 13.88
C ARG A 98 -12.11 -3.88 13.51
N GLU A 99 -12.92 -4.24 14.49
CA GLU A 99 -14.10 -5.02 14.18
C GLU A 99 -14.98 -4.31 13.15
N GLY A 100 -15.06 -3.00 13.25
CA GLY A 100 -15.88 -2.22 12.34
C GLY A 100 -15.34 -2.08 10.92
N ASN A 101 -14.06 -2.35 10.70
CA ASN A 101 -13.49 -2.16 9.37
C ASN A 101 -12.88 -3.40 8.74
N ILE A 102 -12.86 -4.52 9.47
CA ILE A 102 -12.11 -5.68 9.01
C ILE A 102 -12.58 -6.22 7.65
N MET A 103 -13.88 -6.31 7.45
CA MET A 103 -14.36 -6.89 6.22
C MET A 103 -14.00 -6.01 5.04
N ALA A 104 -14.14 -4.69 5.18
CA ALA A 104 -13.79 -3.76 4.11
C ALA A 104 -12.31 -3.77 3.84
N VAL A 105 -11.50 -3.81 4.89
CA VAL A 105 -10.06 -3.84 4.69
C VAL A 105 -9.65 -5.14 3.99
N MET A 106 -10.21 -6.26 4.43
CA MET A 106 -9.88 -7.53 3.84
C MET A 106 -10.26 -7.58 2.35
N ALA A 107 -11.47 -7.15 2.03
CA ALA A 107 -11.90 -7.17 0.64
C ALA A 107 -11.02 -6.26 -0.21
N THR A 108 -10.64 -5.12 0.35
CA THR A 108 -9.79 -4.20 -0.38
C THR A 108 -8.40 -4.80 -0.58
N ALA A 109 -7.86 -5.47 0.44
CA ALA A 109 -6.56 -6.11 0.30
C ALA A 109 -6.57 -7.25 -0.72
N MET A 110 -7.68 -7.97 -0.82
CA MET A 110 -7.83 -8.96 -1.88
C MET A 110 -7.72 -8.30 -3.25
N TYR A 111 -8.46 -7.23 -3.44
CA TYR A 111 -8.46 -6.49 -4.70
C TYR A 111 -7.08 -5.92 -5.03
N LEU A 112 -6.40 -5.39 -4.02
CA LEU A 112 -5.07 -4.84 -4.22
C LEU A 112 -3.99 -5.92 -4.34
N GLN A 113 -4.34 -7.17 -4.10
CA GLN A 113 -3.40 -8.30 -4.21
C GLN A 113 -2.26 -8.12 -3.21
N MET A 114 -2.66 -8.01 -1.94
CA MET A 114 -1.75 -7.87 -0.80
C MET A 114 -1.96 -9.12 0.07
N GLU A 115 -1.30 -10.20 -0.31
N GLU A 115 -1.28 -10.21 -0.26
CA GLU A 115 -1.60 -11.51 0.25
CA GLU A 115 -1.60 -11.54 0.27
C GLU A 115 -1.32 -11.65 1.74
C GLU A 115 -1.31 -11.67 1.75
N HIS A 116 -0.20 -11.11 2.21
CA HIS A 116 0.13 -11.21 3.63
C HIS A 116 -0.88 -10.40 4.46
N VAL A 117 -1.31 -9.25 3.96
CA VAL A 117 -2.36 -8.52 4.65
C VAL A 117 -3.67 -9.32 4.69
N VAL A 118 -4.08 -9.93 3.58
CA VAL A 118 -5.31 -10.78 3.57
C VAL A 118 -5.16 -11.89 4.62
N ASP A 119 -3.99 -12.51 4.67
CA ASP A 119 -3.73 -13.61 5.65
C ASP A 119 -3.90 -13.04 7.07
N THR A 120 -3.39 -11.85 7.36
CA THR A 120 -3.52 -11.23 8.66
C THR A 120 -4.98 -10.91 8.98
N CYS A 121 -5.73 -10.46 7.99
CA CYS A 121 -7.16 -10.24 8.17
C CYS A 121 -7.86 -11.55 8.55
N ARG A 122 -7.50 -12.65 7.90
CA ARG A 122 -8.05 -13.96 8.25
CA ARG A 122 -8.05 -13.96 8.24
C ARG A 122 -7.72 -14.33 9.69
N LYS A 123 -6.51 -14.01 10.14
CA LYS A 123 -6.14 -14.29 11.53
C LYS A 123 -6.93 -13.42 12.50
N PHE A 124 -7.19 -12.17 12.13
CA PHE A 124 -8.03 -11.27 12.94
C PHE A 124 -9.42 -11.84 13.07
N ILE A 125 -9.97 -12.38 11.98
CA ILE A 125 -11.27 -13.03 12.04
C ILE A 125 -11.22 -14.26 12.96
N LYS A 126 -10.18 -15.08 12.82
CA LYS A 126 -10.07 -16.29 13.63
C LYS A 126 -9.94 -15.98 15.10
N ALA A 127 -9.35 -14.84 15.45
CA ALA A 127 -9.17 -14.47 16.82
C ALA A 127 -10.38 -13.78 17.38
N SER A 128 -11.32 -13.29 16.61
CA SER A 128 -12.48 -12.73 17.21
C SER A 128 -13.60 -13.78 17.25
C1 YND B . 0.38 -11.17 -4.27
N YND B . 3.76 -6.93 -3.89
CA YND B . 4.43 -6.09 -4.81
C YND B . 5.68 -6.64 -5.36
O YND B . 6.02 -7.78 -5.10
CAD YND B . 9.23 -7.49 -7.78
CAE YND B . 8.05 -7.32 -7.08
CAF YND B . 3.07 -7.69 -1.87
CAG YND B . 3.85 -6.73 -2.49
CAH YND B . 1.79 -9.47 -5.32
CAI YND B . 9.56 -5.22 -7.91
CAP YND B . 8.38 -4.98 -7.20
CAQ YND B . 7.60 -6.01 -6.75
CAR YND B . 1.60 -9.58 -2.89
CAS YND B . 2.51 -8.48 -2.92
CAT YND B . 2.96 -7.96 -4.12
NAK YND B . 9.99 -6.45 -8.22
NAL YND B . 2.61 -8.46 -5.35
NAM YND B . 6.42 -5.79 -6.09
NAN YND B . 1.28 -10.04 -4.19
OAB YND B . 1.10 -10.13 -1.92
CLAC YND B . 7.97 -3.36 -6.94
H1 YND B . 0.07 -11.56 -3.30
H2 YND B . 0.84 -12.01 -4.83
H3 YND B . -0.53 -10.91 -4.85
HA2 YND B . 3.71 -5.76 -5.58
HA1 YND B . 4.70 -5.17 -4.24
HAD YND B . 9.65 -8.46 -8.05
HAE YND B . 7.53 -8.23 -6.80
HAF YND B . 2.91 -7.83 -0.81
HAG YND B . 4.45 -5.96 -2.05
HAH YND B . 1.48 -9.90 -6.28
HAI YND B . 10.16 -4.37 -8.25
HNA YND B . 6.04 -4.86 -6.24
C FMT C . 21.15 5.63 7.82
O1 FMT C . 20.24 4.90 7.67
O2 FMT C . 21.69 6.24 6.84
C ACT D . 4.84 -9.84 -8.35
O ACT D . 4.30 -8.75 -8.05
OXT ACT D . 4.08 -10.76 -8.74
CH3 ACT D . 6.32 -10.04 -8.25
C ACT E . 0.81 -10.02 11.39
O ACT E . 1.50 -9.20 10.75
OXT ACT E . 0.64 -9.77 12.60
CH3 ACT E . 0.21 -11.24 10.77
CL CL F . 9.92 3.82 -16.17
#